data_8POI
#
_entry.id   8POI
#
loop_
_entity.id
_entity.type
_entity.pdbx_description
1 polymer 'Survival of motor neuron-related-splicing factor 30'
2 non-polymer 4-pyridin-2-yl-1,3-thiazol-2-amine
#
_entity_poly.entity_id   1
_entity_poly.type   'polypeptide(L)'
_entity_poly.pdbx_seq_one_letter_code
;ASTQPTHSWKVGDKCMAVWSEDGQCYEAEIEEIDEENGTAAITFAGYGNAEVTPLLNLKPVEEG
;
_entity_poly.pdbx_strand_id   A
#
# COMPACT_ATOMS: atom_id res chain seq x y z
N ALA A 1 -3.41 -5.45 -17.21
CA ALA A 1 -4.23 -6.03 -18.27
C ALA A 1 -5.70 -6.04 -17.89
N SER A 2 -6.09 -6.98 -17.05
CA SER A 2 -7.47 -7.10 -16.60
C SER A 2 -7.55 -6.88 -15.10
N THR A 3 -6.57 -6.16 -14.56
CA THR A 3 -6.50 -5.88 -13.14
C THR A 3 -7.49 -4.79 -12.72
N GLN A 4 -8.52 -5.20 -12.00
CA GLN A 4 -9.53 -4.27 -11.50
C GLN A 4 -9.30 -4.02 -10.02
N PRO A 5 -8.79 -2.83 -9.65
CA PRO A 5 -8.48 -2.46 -8.26
C PRO A 5 -9.64 -2.70 -7.30
N THR A 6 -9.35 -3.39 -6.20
CA THR A 6 -10.35 -3.68 -5.18
C THR A 6 -10.59 -2.43 -4.32
N HIS A 7 -9.62 -1.52 -4.35
CA HIS A 7 -9.69 -0.28 -3.60
C HIS A 7 -9.12 0.87 -4.42
N SER A 8 -9.89 1.95 -4.54
CA SER A 8 -9.46 3.12 -5.30
C SER A 8 -8.36 3.87 -4.56
N TRP A 9 -7.11 3.66 -4.97
CA TRP A 9 -5.97 4.32 -4.35
C TRP A 9 -5.37 5.38 -5.27
N LYS A 10 -4.76 6.40 -4.66
CA LYS A 10 -4.15 7.48 -5.43
C LYS A 10 -2.73 7.74 -4.91
N VAL A 11 -1.91 8.36 -5.76
CA VAL A 11 -0.53 8.67 -5.40
C VAL A 11 -0.47 9.84 -4.42
N GLY A 12 0.25 9.63 -3.31
CA GLY A 12 0.37 10.66 -2.31
C GLY A 12 -0.71 10.54 -1.24
N ASP A 13 -1.20 9.33 -1.04
CA ASP A 13 -2.24 9.07 -0.05
C ASP A 13 -1.73 8.12 1.03
N LYS A 14 -2.26 8.26 2.24
CA LYS A 14 -1.85 7.42 3.35
C LYS A 14 -2.68 6.14 3.43
N CYS A 15 -2.00 5.02 3.66
CA CYS A 15 -2.65 3.72 3.76
C CYS A 15 -1.98 2.84 4.82
N MET A 16 -2.48 1.63 4.99
CA MET A 16 -1.91 0.68 5.96
C MET A 16 -1.50 -0.60 5.26
N ALA A 17 -0.22 -0.68 4.89
CA ALA A 17 0.31 -1.83 4.19
C ALA A 17 0.74 -2.94 5.15
N VAL A 18 0.56 -4.18 4.71
CA VAL A 18 0.95 -5.34 5.52
C VAL A 18 2.42 -5.67 5.27
N TRP A 19 3.24 -5.50 6.31
CA TRP A 19 4.67 -5.79 6.22
C TRP A 19 4.90 -7.26 5.90
N SER A 20 5.70 -7.52 4.88
CA SER A 20 5.99 -8.89 4.45
C SER A 20 6.93 -9.62 5.41
N GLU A 21 7.49 -8.90 6.38
CA GLU A 21 8.42 -9.50 7.33
C GLU A 21 7.72 -9.91 8.62
N ASP A 22 6.93 -9.01 9.20
CA ASP A 22 6.24 -9.31 10.46
C ASP A 22 4.82 -9.81 10.20
N GLY A 23 4.18 -9.26 9.18
CA GLY A 23 2.82 -9.66 8.85
C GLY A 23 1.78 -8.71 9.40
N GLN A 24 2.24 -7.66 10.09
CA GLN A 24 1.33 -6.68 10.67
C GLN A 24 1.17 -5.49 9.72
N CYS A 25 0.09 -4.73 9.91
CA CYS A 25 -0.18 -3.58 9.06
C CYS A 25 0.33 -2.29 9.69
N TYR A 26 1.29 -1.64 9.03
CA TYR A 26 1.86 -0.39 9.51
C TYR A 26 1.45 0.76 8.57
N GLU A 27 1.58 2.00 9.04
CA GLU A 27 1.22 3.15 8.23
C GLU A 27 2.24 3.40 7.13
N ALA A 28 1.77 3.49 5.89
CA ALA A 28 2.64 3.73 4.75
C ALA A 28 2.01 4.68 3.75
N GLU A 29 2.84 5.39 3.00
CA GLU A 29 2.37 6.34 2.01
C GLU A 29 2.69 5.84 0.60
N ILE A 30 1.70 5.93 -0.29
CA ILE A 30 1.86 5.48 -1.67
C ILE A 30 2.74 6.44 -2.46
N GLU A 31 3.87 5.93 -2.94
CA GLU A 31 4.80 6.73 -3.72
C GLU A 31 4.55 6.53 -5.21
N GLU A 32 4.15 5.32 -5.60
CA GLU A 32 3.88 4.99 -6.99
C GLU A 32 2.85 3.88 -7.09
N ILE A 33 2.01 3.94 -8.14
CA ILE A 33 0.98 2.92 -8.34
C ILE A 33 1.11 2.25 -9.70
N ASP A 34 1.25 0.93 -9.68
CA ASP A 34 1.36 0.15 -10.89
C ASP A 34 0.07 -0.65 -11.10
N GLU A 35 -0.86 -0.08 -11.86
CA GLU A 35 -2.16 -0.71 -12.12
C GLU A 35 -2.04 -1.93 -13.03
N GLU A 36 -0.88 -2.09 -13.67
CA GLU A 36 -0.64 -3.22 -14.55
C GLU A 36 -0.60 -4.53 -13.76
N ASN A 37 0.04 -4.50 -12.60
CA ASN A 37 0.14 -5.68 -11.74
C ASN A 37 -0.79 -5.55 -10.53
N GLY A 38 -1.39 -4.38 -10.37
CA GLY A 38 -2.30 -4.14 -9.26
C GLY A 38 -1.55 -3.96 -7.95
N THR A 39 -0.31 -3.49 -8.07
CA THR A 39 0.53 -3.27 -6.91
C THR A 39 0.85 -1.80 -6.75
N ALA A 40 1.44 -1.45 -5.60
CA ALA A 40 1.78 -0.06 -5.31
C ALA A 40 2.98 0.03 -4.38
N ALA A 41 3.96 0.83 -4.80
CA ALA A 41 5.18 1.03 -4.01
C ALA A 41 4.90 1.99 -2.87
N ILE A 42 4.84 1.45 -1.65
CA ILE A 42 4.56 2.26 -0.48
C ILE A 42 5.79 2.42 0.41
N THR A 43 5.82 3.53 1.15
CA THR A 43 6.92 3.81 2.07
C THR A 43 6.37 4.05 3.47
N PHE A 44 6.70 3.13 4.39
CA PHE A 44 6.23 3.24 5.77
C PHE A 44 6.75 4.50 6.43
N ALA A 45 5.82 5.31 6.95
CA ALA A 45 6.16 6.56 7.61
C ALA A 45 6.85 6.34 8.96
N GLY A 46 7.95 7.04 9.18
CA GLY A 46 8.69 6.91 10.42
C GLY A 46 9.82 5.90 10.34
N TYR A 47 9.61 4.82 9.58
CA TYR A 47 10.62 3.79 9.42
C TYR A 47 11.51 4.07 8.23
N GLY A 48 10.90 4.19 7.05
CA GLY A 48 11.65 4.45 5.83
C GLY A 48 11.70 3.24 4.93
N ASN A 49 10.99 2.18 5.32
CA ASN A 49 10.96 0.94 4.54
C ASN A 49 9.99 1.08 3.37
N ALA A 50 10.43 0.67 2.18
CA ALA A 50 9.60 0.75 0.98
C ALA A 50 9.52 -0.60 0.28
N GLU A 51 8.29 -1.06 0.04
CA GLU A 51 8.08 -2.35 -0.62
C GLU A 51 6.88 -2.29 -1.57
N VAL A 52 6.91 -3.13 -2.60
CA VAL A 52 5.82 -3.19 -3.58
C VAL A 52 4.77 -4.22 -3.16
N THR A 53 3.65 -3.72 -2.63
CA THR A 53 2.58 -4.59 -2.16
C THR A 53 1.29 -4.34 -2.96
N PRO A 54 0.50 -5.41 -3.22
CA PRO A 54 -0.76 -5.30 -3.96
C PRO A 54 -1.76 -4.37 -3.28
N LEU A 55 -2.76 -3.92 -4.03
CA LEU A 55 -3.78 -3.01 -3.51
C LEU A 55 -4.72 -3.74 -2.55
N LEU A 56 -4.68 -5.07 -2.57
CA LEU A 56 -5.53 -5.86 -1.67
C LEU A 56 -4.97 -5.85 -0.25
N ASN A 57 -3.67 -5.67 -0.13
CA ASN A 57 -3.01 -5.62 1.18
C ASN A 57 -3.08 -4.23 1.77
N LEU A 58 -3.39 -3.25 0.93
CA LEU A 58 -3.49 -1.86 1.38
C LEU A 58 -4.84 -1.61 2.02
N LYS A 59 -4.83 -1.35 3.33
CA LYS A 59 -6.05 -1.09 4.08
C LYS A 59 -6.17 0.40 4.36
N PRO A 60 -7.41 0.92 4.44
CA PRO A 60 -7.64 2.34 4.72
C PRO A 60 -7.27 2.71 6.14
N VAL A 61 -6.72 3.92 6.31
CA VAL A 61 -6.33 4.40 7.63
C VAL A 61 -7.57 4.76 8.43
N GLU A 62 -8.02 3.82 9.25
CA GLU A 62 -9.20 4.00 10.08
C GLU A 62 -8.85 4.70 11.39
N GLU A 63 -9.09 6.00 11.43
CA GLU A 63 -8.80 6.81 12.61
C GLU A 63 -10.09 7.37 13.22
N GLY A 64 -11.22 6.81 12.79
CA GLY A 64 -12.50 7.27 13.31
C GLY A 64 -13.68 6.64 12.58
N ALA A 1 -3.42 -5.40 -17.21
CA ALA A 1 -4.23 -5.98 -18.26
C ALA A 1 -5.70 -5.98 -17.88
N SER A 2 -6.08 -6.94 -17.05
CA SER A 2 -7.46 -7.07 -16.59
C SER A 2 -7.53 -6.85 -15.08
N THR A 3 -6.57 -6.13 -14.55
CA THR A 3 -6.50 -5.85 -13.13
C THR A 3 -7.48 -4.77 -12.72
N GLN A 4 -8.51 -5.17 -11.98
CA GLN A 4 -9.52 -4.24 -11.49
C GLN A 4 -9.29 -4.01 -10.00
N PRO A 5 -8.79 -2.80 -9.64
CA PRO A 5 -8.48 -2.44 -8.25
C PRO A 5 -9.64 -2.68 -7.29
N THR A 6 -9.34 -3.37 -6.18
CA THR A 6 -10.34 -3.67 -5.17
C THR A 6 -10.58 -2.42 -4.30
N HIS A 7 -9.62 -1.51 -4.34
CA HIS A 7 -9.69 -0.27 -3.58
C HIS A 7 -9.13 0.88 -4.41
N SER A 8 -9.90 1.96 -4.52
CA SER A 8 -9.48 3.13 -5.28
C SER A 8 -8.37 3.89 -4.54
N TRP A 9 -7.13 3.68 -4.97
CA TRP A 9 -5.98 4.33 -4.34
C TRP A 9 -5.40 5.41 -5.26
N LYS A 10 -4.79 6.42 -4.65
CA LYS A 10 -4.19 7.51 -5.41
C LYS A 10 -2.77 7.78 -4.90
N VAL A 11 -1.95 8.41 -5.74
CA VAL A 11 -0.57 8.72 -5.39
C VAL A 11 -0.51 9.89 -4.41
N GLY A 12 0.20 9.69 -3.30
CA GLY A 12 0.32 10.72 -2.29
C GLY A 12 -0.74 10.59 -1.23
N ASP A 13 -1.23 9.38 -1.03
CA ASP A 13 -2.27 9.11 -0.04
C ASP A 13 -1.75 8.16 1.03
N LYS A 14 -2.28 8.30 2.24
CA LYS A 14 -1.86 7.46 3.36
C LYS A 14 -2.69 6.18 3.43
N CYS A 15 -2.00 5.05 3.66
CA CYS A 15 -2.66 3.75 3.76
C CYS A 15 -1.98 2.87 4.82
N MET A 16 -2.50 1.66 5.00
CA MET A 16 -1.93 0.72 5.97
C MET A 16 -1.51 -0.57 5.26
N ALA A 17 -0.24 -0.63 4.89
CA ALA A 17 0.30 -1.80 4.19
C ALA A 17 0.74 -2.89 5.15
N VAL A 18 0.58 -4.14 4.71
CA VAL A 18 0.99 -5.29 5.52
C VAL A 18 2.45 -5.61 5.29
N TRP A 19 3.26 -5.45 6.35
CA TRP A 19 4.70 -5.72 6.28
C TRP A 19 4.93 -7.19 5.95
N SER A 20 5.77 -7.44 4.94
CA SER A 20 6.06 -8.81 4.51
C SER A 20 7.00 -9.53 5.49
N GLU A 21 7.54 -8.81 6.47
CA GLU A 21 8.45 -9.41 7.43
C GLU A 21 7.75 -9.84 8.71
N ASP A 22 6.94 -8.94 9.28
CA ASP A 22 6.24 -9.25 10.52
C ASP A 22 4.83 -9.76 10.25
N GLY A 23 4.19 -9.20 9.22
CA GLY A 23 2.85 -9.62 8.87
C GLY A 23 1.79 -8.67 9.41
N GLN A 24 2.22 -7.63 10.11
CA GLN A 24 1.31 -6.66 10.68
C GLN A 24 1.14 -5.48 9.73
N CYS A 25 0.06 -4.72 9.91
CA CYS A 25 -0.21 -3.56 9.06
C CYS A 25 0.30 -2.27 9.69
N TYR A 26 1.29 -1.65 9.04
CA TYR A 26 1.86 -0.39 9.51
C TYR A 26 1.45 0.75 8.58
N GLU A 27 1.58 1.99 9.05
CA GLU A 27 1.22 3.15 8.23
C GLU A 27 2.25 3.40 7.14
N ALA A 28 1.77 3.49 5.90
CA ALA A 28 2.64 3.73 4.75
C ALA A 28 2.01 4.68 3.75
N GLU A 29 2.85 5.39 3.01
CA GLU A 29 2.38 6.34 2.02
C GLU A 29 2.69 5.85 0.61
N ILE A 30 1.69 5.94 -0.27
CA ILE A 30 1.84 5.49 -1.65
C ILE A 30 2.73 6.45 -2.45
N GLU A 31 3.87 5.94 -2.93
CA GLU A 31 4.80 6.74 -3.71
C GLU A 31 4.55 6.54 -5.21
N GLU A 32 4.16 5.32 -5.59
CA GLU A 32 3.89 5.01 -6.98
C GLU A 32 2.85 3.90 -7.09
N ILE A 33 2.01 3.95 -8.13
CA ILE A 33 0.98 2.94 -8.33
C ILE A 33 1.11 2.27 -9.69
N ASP A 34 1.24 0.95 -9.67
CA ASP A 34 1.35 0.17 -10.89
C ASP A 34 0.06 -0.63 -11.09
N GLU A 35 -0.86 -0.05 -11.87
CA GLU A 35 -2.16 -0.68 -12.13
C GLU A 35 -2.04 -1.91 -13.04
N GLU A 36 -0.88 -2.07 -13.67
CA GLU A 36 -0.64 -3.20 -14.57
C GLU A 36 -0.61 -4.51 -13.77
N ASN A 37 0.03 -4.48 -12.60
CA ASN A 37 0.14 -5.66 -11.76
C ASN A 37 -0.80 -5.56 -10.55
N GLY A 38 -1.40 -4.37 -10.36
CA GLY A 38 -2.29 -4.16 -9.25
C GLY A 38 -1.54 -3.99 -7.95
N THR A 39 -0.32 -3.50 -8.05
CA THR A 39 0.53 -3.27 -6.90
C THR A 39 0.84 -1.80 -6.73
N ALA A 40 1.43 -1.46 -5.59
CA ALA A 40 1.78 -0.07 -5.30
C ALA A 40 2.99 0.02 -4.39
N ALA A 41 3.97 0.82 -4.80
CA ALA A 41 5.18 1.03 -4.01
C ALA A 41 4.90 1.99 -2.87
N ILE A 42 4.85 1.45 -1.66
CA ILE A 42 4.57 2.26 -0.48
C ILE A 42 5.79 2.41 0.41
N THR A 43 5.83 3.52 1.15
CA THR A 43 6.93 3.80 2.08
C THR A 43 6.38 4.03 3.47
N PHE A 44 6.70 3.12 4.39
CA PHE A 44 6.23 3.22 5.77
C PHE A 44 6.76 4.48 6.43
N ALA A 45 5.84 5.27 6.98
CA ALA A 45 6.19 6.53 7.64
C ALA A 45 6.87 6.29 8.98
N GLY A 46 7.98 6.98 9.20
CA GLY A 46 8.72 6.84 10.44
C GLY A 46 9.85 5.83 10.35
N TYR A 47 9.66 4.80 9.52
CA TYR A 47 10.66 3.75 9.36
C TYR A 47 11.53 4.02 8.14
N GLY A 48 10.89 4.21 6.98
CA GLY A 48 11.62 4.47 5.75
C GLY A 48 11.67 3.24 4.86
N ASN A 49 10.99 2.18 5.28
CA ASN A 49 10.95 0.94 4.52
C ASN A 49 9.98 1.05 3.35
N ALA A 50 10.43 0.64 2.17
CA ALA A 50 9.60 0.71 0.96
C ALA A 50 9.52 -0.65 0.27
N GLU A 51 8.30 -1.13 0.05
CA GLU A 51 8.09 -2.42 -0.62
C GLU A 51 6.90 -2.36 -1.57
N VAL A 52 6.93 -3.22 -2.59
CA VAL A 52 5.85 -3.28 -3.57
C VAL A 52 4.80 -4.30 -3.14
N THR A 53 3.68 -3.80 -2.62
CA THR A 53 2.60 -4.66 -2.15
C THR A 53 1.32 -4.42 -2.96
N PRO A 54 0.53 -5.49 -3.21
CA PRO A 54 -0.73 -5.38 -3.96
C PRO A 54 -1.73 -4.45 -3.28
N LEU A 55 -2.74 -4.03 -4.04
CA LEU A 55 -3.76 -3.11 -3.52
C LEU A 55 -4.71 -3.83 -2.56
N LEU A 56 -4.65 -5.17 -2.55
CA LEU A 56 -5.50 -5.95 -1.67
C LEU A 56 -4.96 -5.93 -0.24
N ASN A 57 -3.65 -5.73 -0.12
CA ASN A 57 -3.00 -5.68 1.18
C ASN A 57 -3.08 -4.28 1.77
N LEU A 58 -3.38 -3.31 0.92
CA LEU A 58 -3.49 -1.92 1.36
C LEU A 58 -4.84 -1.66 2.00
N LYS A 59 -4.82 -1.39 3.30
CA LYS A 59 -6.05 -1.12 4.04
C LYS A 59 -6.18 0.37 4.32
N PRO A 60 -7.41 0.89 4.38
CA PRO A 60 -7.65 2.31 4.66
C PRO A 60 -7.28 2.70 6.08
N VAL A 61 -6.73 3.90 6.24
CA VAL A 61 -6.35 4.40 7.55
C VAL A 61 -7.60 4.76 8.36
N GLU A 62 -8.04 3.83 9.18
CA GLU A 62 -9.24 4.02 9.99
C GLU A 62 -8.89 4.73 11.30
N GLU A 63 -9.11 6.04 11.31
CA GLU A 63 -8.84 6.85 12.49
C GLU A 63 -10.13 7.41 13.08
N GLY A 64 -11.26 6.85 12.66
CA GLY A 64 -12.54 7.32 13.17
C GLY A 64 -13.70 6.68 12.45
N ALA A 1 -1.84 -8.35 -15.94
CA ALA A 1 -2.88 -8.47 -14.93
C ALA A 1 -2.46 -9.41 -13.81
N SER A 2 -2.44 -8.90 -12.58
CA SER A 2 -2.06 -9.70 -11.42
C SER A 2 -3.08 -9.57 -10.30
N THR A 3 -3.12 -8.40 -9.66
CA THR A 3 -4.03 -8.17 -8.57
C THR A 3 -5.22 -7.31 -9.02
N GLN A 4 -6.42 -7.87 -8.91
CA GLN A 4 -7.64 -7.16 -9.29
C GLN A 4 -8.01 -6.17 -8.18
N PRO A 5 -7.88 -4.85 -8.47
CA PRO A 5 -8.17 -3.79 -7.49
C PRO A 5 -9.58 -3.81 -6.92
N THR A 6 -9.67 -3.90 -5.60
CA THR A 6 -10.95 -3.88 -4.91
C THR A 6 -11.10 -2.54 -4.18
N HIS A 7 -10.04 -1.73 -4.27
CA HIS A 7 -10.00 -0.42 -3.63
C HIS A 7 -9.31 0.57 -4.56
N SER A 8 -9.91 1.74 -4.74
CA SER A 8 -9.35 2.77 -5.61
C SER A 8 -8.30 3.60 -4.87
N TRP A 9 -7.05 3.46 -5.27
CA TRP A 9 -5.94 4.18 -4.64
C TRP A 9 -5.35 5.23 -5.58
N LYS A 10 -4.72 6.23 -5.00
CA LYS A 10 -4.07 7.29 -5.78
C LYS A 10 -2.68 7.59 -5.20
N VAL A 11 -1.83 8.20 -6.01
CA VAL A 11 -0.47 8.53 -5.59
C VAL A 11 -0.47 9.66 -4.56
N GLY A 12 0.21 9.43 -3.43
CA GLY A 12 0.27 10.41 -2.38
C GLY A 12 -0.83 10.21 -1.35
N ASP A 13 -1.37 8.99 -1.32
CA ASP A 13 -2.45 8.66 -0.39
C ASP A 13 -1.91 7.88 0.80
N LYS A 14 -2.51 8.11 1.96
CA LYS A 14 -2.10 7.43 3.18
C LYS A 14 -2.86 6.11 3.36
N CYS A 15 -2.11 5.02 3.51
CA CYS A 15 -2.72 3.70 3.69
C CYS A 15 -1.99 2.87 4.74
N MET A 16 -2.45 1.64 4.94
CA MET A 16 -1.84 0.73 5.91
C MET A 16 -1.43 -0.57 5.23
N ALA A 17 -0.17 -0.62 4.81
CA ALA A 17 0.37 -1.77 4.11
C ALA A 17 0.80 -2.88 5.06
N VAL A 18 0.71 -4.12 4.57
CA VAL A 18 1.11 -5.30 5.34
C VAL A 18 2.59 -5.59 5.12
N TRP A 19 3.38 -5.44 6.19
CA TRP A 19 4.82 -5.69 6.11
C TRP A 19 5.08 -7.15 5.75
N SER A 20 5.97 -7.36 4.78
CA SER A 20 6.30 -8.70 4.31
C SER A 20 7.20 -9.46 5.31
N GLU A 21 7.68 -8.77 6.35
CA GLU A 21 8.55 -9.40 7.33
C GLU A 21 7.78 -9.91 8.55
N ASP A 22 6.90 -9.08 9.09
CA ASP A 22 6.11 -9.46 10.27
C ASP A 22 4.71 -9.91 9.93
N GLY A 23 4.15 -9.37 8.85
CA GLY A 23 2.81 -9.72 8.44
C GLY A 23 1.77 -8.81 9.07
N GLN A 24 2.24 -7.78 9.79
CA GLN A 24 1.37 -6.82 10.43
C GLN A 24 1.16 -5.60 9.53
N CYS A 25 0.13 -4.81 9.84
CA CYS A 25 -0.16 -3.62 9.04
C CYS A 25 0.37 -2.35 9.70
N TYR A 26 1.27 -1.66 9.00
CA TYR A 26 1.85 -0.42 9.49
C TYR A 26 1.46 0.74 8.58
N GLU A 27 1.57 1.97 9.07
CA GLU A 27 1.21 3.16 8.29
C GLU A 27 2.24 3.41 7.20
N ALA A 28 1.77 3.60 5.97
CA ALA A 28 2.65 3.85 4.84
C ALA A 28 1.99 4.80 3.83
N GLU A 29 2.82 5.45 3.02
CA GLU A 29 2.33 6.38 2.01
C GLU A 29 2.66 5.87 0.61
N ILE A 30 1.69 5.95 -0.29
CA ILE A 30 1.87 5.48 -1.66
C ILE A 30 2.75 6.43 -2.46
N GLU A 31 3.86 5.92 -2.96
CA GLU A 31 4.80 6.70 -3.74
C GLU A 31 4.56 6.49 -5.25
N GLU A 32 4.24 5.26 -5.62
CA GLU A 32 3.99 4.93 -7.03
C GLU A 32 2.93 3.83 -7.13
N ILE A 33 2.14 3.86 -8.20
CA ILE A 33 1.08 2.86 -8.40
C ILE A 33 1.19 2.19 -9.76
N ASP A 34 1.11 0.86 -9.75
CA ASP A 34 1.14 0.07 -10.97
C ASP A 34 -0.19 -0.65 -11.11
N GLU A 35 -1.13 -0.03 -11.83
CA GLU A 35 -2.48 -0.57 -12.00
C GLU A 35 -2.49 -1.89 -12.77
N GLU A 36 -1.46 -2.15 -13.57
CA GLU A 36 -1.37 -3.37 -14.34
C GLU A 36 -1.20 -4.59 -13.43
N ASN A 37 -0.27 -4.49 -12.48
CA ASN A 37 -0.02 -5.58 -11.54
C ASN A 37 -0.88 -5.45 -10.29
N GLY A 38 -1.59 -4.31 -10.19
CA GLY A 38 -2.44 -4.07 -9.04
C GLY A 38 -1.64 -3.92 -7.77
N THR A 39 -0.44 -3.33 -7.89
CA THR A 39 0.43 -3.12 -6.76
C THR A 39 0.72 -1.64 -6.56
N ALA A 40 1.42 -1.32 -5.47
CA ALA A 40 1.74 0.05 -5.16
C ALA A 40 2.96 0.15 -4.23
N ALA A 41 3.98 0.85 -4.71
CA ALA A 41 5.20 1.04 -3.93
C ALA A 41 4.94 2.02 -2.79
N ILE A 42 4.84 1.49 -1.58
CA ILE A 42 4.58 2.30 -0.41
C ILE A 42 5.82 2.49 0.47
N THR A 43 5.82 3.55 1.25
CA THR A 43 6.92 3.85 2.16
C THR A 43 6.37 4.09 3.56
N PHE A 44 6.70 3.20 4.49
CA PHE A 44 6.23 3.30 5.87
C PHE A 44 6.78 4.56 6.54
N ALA A 45 5.86 5.41 7.01
CA ALA A 45 6.23 6.66 7.66
C ALA A 45 6.90 6.42 9.01
N GLY A 46 8.03 7.08 9.24
CA GLY A 46 8.75 6.94 10.49
C GLY A 46 9.87 5.92 10.42
N TYR A 47 9.61 4.81 9.72
CA TYR A 47 10.60 3.75 9.59
C TYR A 47 11.52 3.99 8.39
N GLY A 48 10.92 4.30 7.24
CA GLY A 48 11.69 4.53 6.03
C GLY A 48 11.76 3.29 5.15
N ASN A 49 11.05 2.25 5.57
CA ASN A 49 11.01 0.99 4.83
C ASN A 49 10.03 1.08 3.67
N ALA A 50 10.41 0.53 2.52
CA ALA A 50 9.54 0.57 1.34
C ALA A 50 9.44 -0.80 0.67
N GLU A 51 8.22 -1.15 0.23
CA GLU A 51 8.00 -2.43 -0.45
C GLU A 51 6.85 -2.33 -1.45
N VAL A 52 6.86 -3.22 -2.44
CA VAL A 52 5.82 -3.24 -3.47
C VAL A 52 4.74 -4.26 -3.09
N THR A 53 3.69 -3.78 -2.44
CA THR A 53 2.60 -4.64 -1.99
C THR A 53 1.33 -4.39 -2.81
N PRO A 54 0.55 -5.45 -3.09
CA PRO A 54 -0.71 -5.35 -3.85
C PRO A 54 -1.72 -4.42 -3.17
N LEU A 55 -2.73 -4.01 -3.93
CA LEU A 55 -3.77 -3.12 -3.42
C LEU A 55 -4.72 -3.86 -2.47
N LEU A 56 -4.65 -5.19 -2.47
CA LEU A 56 -5.50 -5.99 -1.59
C LEU A 56 -4.96 -5.95 -0.16
N ASN A 57 -3.66 -5.72 -0.03
CA ASN A 57 -3.02 -5.65 1.28
C ASN A 57 -3.11 -4.22 1.83
N LEU A 58 -3.39 -3.27 0.95
CA LEU A 58 -3.50 -1.87 1.34
C LEU A 58 -4.86 -1.60 1.95
N LYS A 59 -4.87 -1.22 3.22
CA LYS A 59 -6.10 -0.92 3.92
C LYS A 59 -6.16 0.57 4.23
N PRO A 60 -7.36 1.16 4.26
CA PRO A 60 -7.53 2.58 4.57
C PRO A 60 -7.13 2.90 6.02
N VAL A 61 -6.55 4.08 6.23
CA VAL A 61 -6.13 4.49 7.56
C VAL A 61 -7.33 4.82 8.44
N GLU A 62 -7.85 3.80 9.11
CA GLU A 62 -8.99 3.95 9.99
C GLU A 62 -8.51 4.13 11.43
N GLU A 63 -8.60 5.37 11.92
CA GLU A 63 -8.17 5.68 13.28
C GLU A 63 -9.22 5.26 14.29
N GLY A 64 -9.24 3.97 14.61
CA GLY A 64 -10.21 3.44 15.56
C GLY A 64 -10.93 2.21 15.03
N ALA A 1 0.01 -7.71 -18.78
CA ALA A 1 -1.38 -8.02 -18.44
C ALA A 1 -1.99 -6.90 -17.59
N SER A 2 -3.26 -6.62 -17.81
CA SER A 2 -3.96 -5.57 -17.07
C SER A 2 -4.66 -6.13 -15.85
N THR A 3 -4.67 -5.35 -14.77
CA THR A 3 -5.31 -5.76 -13.52
C THR A 3 -6.21 -4.64 -13.00
N GLN A 4 -7.36 -5.00 -12.43
CA GLN A 4 -8.29 -4.03 -11.90
C GLN A 4 -8.09 -3.85 -10.39
N PRO A 5 -7.87 -2.60 -9.94
CA PRO A 5 -7.67 -2.30 -8.51
C PRO A 5 -8.88 -2.67 -7.64
N THR A 6 -8.61 -3.29 -6.50
CA THR A 6 -9.67 -3.68 -5.58
C THR A 6 -10.08 -2.49 -4.71
N HIS A 7 -9.21 -1.49 -4.66
CA HIS A 7 -9.47 -0.27 -3.88
C HIS A 7 -8.94 0.95 -4.63
N SER A 8 -9.76 1.99 -4.70
CA SER A 8 -9.37 3.22 -5.40
C SER A 8 -8.29 3.97 -4.63
N TRP A 9 -7.04 3.76 -5.02
CA TRP A 9 -5.90 4.41 -4.39
C TRP A 9 -5.30 5.49 -5.29
N LYS A 10 -4.59 6.43 -4.69
CA LYS A 10 -3.95 7.50 -5.45
C LYS A 10 -2.55 7.78 -4.90
N VAL A 11 -1.70 8.41 -5.71
CA VAL A 11 -0.35 8.74 -5.29
C VAL A 11 -0.35 9.88 -4.28
N GLY A 12 0.31 9.65 -3.14
CA GLY A 12 0.36 10.66 -2.10
C GLY A 12 -0.77 10.47 -1.12
N ASP A 13 -1.19 9.21 -0.98
CA ASP A 13 -2.28 8.86 -0.07
C ASP A 13 -1.77 8.01 1.08
N LYS A 14 -2.29 8.26 2.27
CA LYS A 14 -1.89 7.50 3.46
C LYS A 14 -2.72 6.23 3.60
N CYS A 15 -2.05 5.09 3.64
CA CYS A 15 -2.72 3.79 3.78
C CYS A 15 -2.03 2.92 4.82
N MET A 16 -2.52 1.69 4.98
CA MET A 16 -1.94 0.77 5.94
C MET A 16 -1.51 -0.53 5.24
N ALA A 17 -0.25 -0.56 4.84
CA ALA A 17 0.30 -1.71 4.13
C ALA A 17 0.70 -2.83 5.08
N VAL A 18 0.46 -4.07 4.64
CA VAL A 18 0.82 -5.25 5.43
C VAL A 18 2.28 -5.61 5.19
N TRP A 19 3.09 -5.50 6.25
CA TRP A 19 4.52 -5.82 6.17
C TRP A 19 4.70 -7.29 5.81
N SER A 20 5.60 -7.58 4.86
CA SER A 20 5.85 -8.94 4.42
C SER A 20 6.66 -9.76 5.43
N GLU A 21 7.20 -9.10 6.46
CA GLU A 21 8.01 -9.78 7.47
C GLU A 21 7.22 -10.10 8.72
N ASP A 22 6.45 -9.13 9.20
CA ASP A 22 5.66 -9.33 10.42
C ASP A 22 4.24 -9.78 10.10
N GLY A 23 3.70 -9.27 8.99
CA GLY A 23 2.34 -9.63 8.59
C GLY A 23 1.31 -8.68 9.15
N GLN A 24 1.77 -7.65 9.83
CA GLN A 24 0.88 -6.66 10.43
C GLN A 24 0.78 -5.43 9.53
N CYS A 25 -0.24 -4.63 9.75
CA CYS A 25 -0.46 -3.43 8.95
C CYS A 25 0.14 -2.18 9.61
N TYR A 26 1.08 -1.55 8.90
CA TYR A 26 1.73 -0.33 9.39
C TYR A 26 1.37 0.84 8.47
N GLU A 27 1.48 2.07 8.98
CA GLU A 27 1.14 3.24 8.18
C GLU A 27 2.18 3.46 7.08
N ALA A 28 1.72 3.53 5.83
CA ALA A 28 2.60 3.73 4.69
C ALA A 28 2.00 4.72 3.70
N GLU A 29 2.87 5.44 3.01
CA GLU A 29 2.44 6.42 2.02
C GLU A 29 2.73 5.93 0.60
N ILE A 30 1.73 6.00 -0.26
CA ILE A 30 1.86 5.55 -1.64
C ILE A 30 2.75 6.49 -2.44
N GLU A 31 3.83 5.95 -3.00
CA GLU A 31 4.77 6.73 -3.80
C GLU A 31 4.47 6.56 -5.29
N GLU A 32 4.16 5.33 -5.69
CA GLU A 32 3.86 5.04 -7.08
C GLU A 32 2.82 3.93 -7.18
N ILE A 33 1.94 4.04 -8.16
CA ILE A 33 0.90 3.05 -8.35
C ILE A 33 1.01 2.37 -9.72
N ASP A 34 1.05 1.05 -9.70
CA ASP A 34 1.11 0.27 -10.93
C ASP A 34 -0.07 -0.68 -10.97
N GLU A 35 -1.18 -0.19 -11.53
CA GLU A 35 -2.41 -0.98 -11.61
C GLU A 35 -2.28 -2.13 -12.60
N GLU A 36 -1.19 -2.11 -13.39
CA GLU A 36 -0.94 -3.17 -14.35
C GLU A 36 -0.76 -4.51 -13.63
N ASN A 37 -0.09 -4.47 -12.48
CA ASN A 37 0.13 -5.66 -11.68
C ASN A 37 -0.73 -5.63 -10.42
N GLY A 38 -1.47 -4.54 -10.24
CA GLY A 38 -2.33 -4.39 -9.07
C GLY A 38 -1.53 -4.16 -7.82
N THR A 39 -0.37 -3.54 -7.97
CA THR A 39 0.52 -3.26 -6.85
C THR A 39 0.76 -1.77 -6.70
N ALA A 40 1.43 -1.40 -5.61
CA ALA A 40 1.74 0.00 -5.34
C ALA A 40 2.94 0.13 -4.41
N ALA A 41 3.95 0.85 -4.88
CA ALA A 41 5.15 1.10 -4.11
C ALA A 41 4.87 2.05 -2.96
N ILE A 42 4.86 1.52 -1.74
CA ILE A 42 4.58 2.33 -0.56
C ILE A 42 5.80 2.48 0.34
N THR A 43 5.83 3.56 1.11
CA THR A 43 6.92 3.81 2.04
C THR A 43 6.37 4.05 3.45
N PHE A 44 6.67 3.12 4.35
CA PHE A 44 6.20 3.22 5.73
C PHE A 44 6.73 4.47 6.41
N ALA A 45 5.83 5.34 6.84
CA ALA A 45 6.19 6.59 7.50
C ALA A 45 6.83 6.34 8.85
N GLY A 46 7.99 6.97 9.07
CA GLY A 46 8.70 6.81 10.32
C GLY A 46 9.81 5.79 10.25
N TYR A 47 9.56 4.70 9.52
CA TYR A 47 10.55 3.63 9.37
C TYR A 47 11.47 3.88 8.19
N GLY A 48 10.88 4.25 7.05
CA GLY A 48 11.65 4.50 5.85
C GLY A 48 11.72 3.28 4.94
N ASN A 49 11.01 2.23 5.33
CA ASN A 49 10.98 0.98 4.57
C ASN A 49 10.00 1.09 3.40
N ALA A 50 10.44 0.68 2.22
CA ALA A 50 9.61 0.73 1.03
C ALA A 50 9.53 -0.63 0.34
N GLU A 51 8.32 -1.04 -0.02
CA GLU A 51 8.12 -2.33 -0.69
C GLU A 51 6.93 -2.27 -1.66
N VAL A 52 6.97 -3.14 -2.67
CA VAL A 52 5.90 -3.22 -3.65
C VAL A 52 4.86 -4.24 -3.22
N THR A 53 3.79 -3.76 -2.58
CA THR A 53 2.74 -4.63 -2.09
C THR A 53 1.45 -4.43 -2.89
N PRO A 54 0.67 -5.52 -3.11
CA PRO A 54 -0.59 -5.44 -3.84
C PRO A 54 -1.61 -4.53 -3.15
N LEU A 55 -2.63 -4.12 -3.90
CA LEU A 55 -3.65 -3.23 -3.37
C LEU A 55 -4.59 -3.97 -2.41
N LEU A 56 -4.51 -5.30 -2.39
CA LEU A 56 -5.34 -6.09 -1.48
C LEU A 56 -4.78 -6.02 -0.06
N ASN A 57 -3.48 -5.80 0.03
CA ASN A 57 -2.80 -5.69 1.32
C ASN A 57 -2.91 -4.27 1.87
N LEU A 58 -3.28 -3.35 1.00
CA LEU A 58 -3.43 -1.95 1.38
C LEU A 58 -4.79 -1.71 2.01
N LYS A 59 -4.78 -1.48 3.31
CA LYS A 59 -6.00 -1.23 4.06
C LYS A 59 -6.11 0.27 4.33
N PRO A 60 -7.34 0.79 4.47
CA PRO A 60 -7.55 2.21 4.77
C PRO A 60 -7.10 2.53 6.19
N VAL A 61 -6.74 3.78 6.45
CA VAL A 61 -6.30 4.18 7.77
C VAL A 61 -7.51 4.36 8.69
N GLU A 62 -8.00 3.22 9.18
CA GLU A 62 -9.14 3.19 10.07
C GLU A 62 -8.68 3.06 11.52
N GLU A 63 -8.62 4.20 12.20
CA GLU A 63 -8.20 4.23 13.59
C GLU A 63 -9.39 4.02 14.51
N GLY A 64 -9.97 2.83 14.46
CA GLY A 64 -11.12 2.51 15.29
C GLY A 64 -10.75 1.64 16.49
#